data_5AOG
#
_entry.id   5AOG
#
_cell.length_a   58.620
_cell.length_b   58.620
_cell.length_c   208.410
_cell.angle_alpha   90.00
_cell.angle_beta   90.00
_cell.angle_gamma   120.00
#
_symmetry.space_group_name_H-M   'P 31 2 1'
#
loop_
_entity.id
_entity.type
_entity.pdbx_description
1 polymer 'CATIONIC PEROXIDASE SPC4'
2 branched alpha-L-fucopyranose-(1-3)-[2-acetamido-2-deoxy-beta-D-glucopyranose-(1-4)]2-acetamido-2-deoxy-beta-D-glucopyranose
3 branched beta-D-xylopyranose-(1-2)-[alpha-D-mannopyranose-(1-3)]beta-D-mannopyranose-(1-4)-2-acetamido-2-deoxy-beta-D-glucopyranose-(1-4)-[alpha-L-fucopyranose-(1-3)]2-acetamido-2-deoxy-beta-D-glucopyranose
4 non-polymer 'PROTOPORPHYRIN IX CONTAINING FE'
5 non-polymer 'CALCIUM ION'
6 non-polymer 'SODIUM ION'
7 non-polymer GLYCEROL
8 non-polymer '1H-INDOL-3-YLACETIC ACID'
9 water water
#
_entity_poly.entity_id   1
_entity_poly.type   'polypeptide(L)'
_entity_poly.pdbx_seq_one_letter_code
;QPPLAPGLSFDFYKRSCPKAESIVRSFVQDAVRRDVGLAAGLLRLHFHDCFVQGCDASVLLDGSATGPGEQQAPPNLTLR
PTAFKAINDIHDRLHKECGGTVVSCSDVLALAARDSVVVSGGPSYRVPLGRRDSASFATQQDVLSGLPPPTAAVPALLAV
LSKINLDATDLVALSGGHTIGLGHCTSFEDRLFPRPDPTLNATFAGQLRRTCPAKGTDRRTPLDVRTPNAFDNKYYVNLV
NREGLFTSDQDLFSNARTRALVDKFARSQRDFFDQFAFSVVKMGQIKVLTGTQGQIRTNCSARNAAG
;
_entity_poly.pdbx_strand_id   A
#
# COMPACT_ATOMS: atom_id res chain seq x y z
N GLN A 1 16.50 2.95 -11.00
CA GLN A 1 15.13 3.50 -10.77
C GLN A 1 14.37 3.69 -12.10
N PRO A 2 13.03 3.73 -12.01
CA PRO A 2 12.22 4.32 -13.05
C PRO A 2 12.54 5.81 -13.22
N PRO A 3 11.99 6.41 -14.27
CA PRO A 3 12.16 7.84 -14.42
C PRO A 3 11.54 8.62 -13.27
N LEU A 4 12.15 9.74 -12.94
CA LEU A 4 11.61 10.63 -11.91
C LEU A 4 10.61 11.59 -12.51
N ALA A 5 9.51 11.77 -11.79
CA ALA A 5 8.51 12.77 -12.16
C ALA A 5 9.13 14.16 -12.08
N PRO A 6 8.75 15.04 -13.00
CA PRO A 6 9.22 16.42 -12.89
C PRO A 6 8.88 17.03 -11.54
N GLY A 7 9.87 17.68 -10.94
CA GLY A 7 9.69 18.29 -9.63
C GLY A 7 10.18 17.45 -8.47
N LEU A 8 10.31 16.14 -8.66
CA LEU A 8 10.84 15.26 -7.63
C LEU A 8 12.35 15.08 -7.77
N SER A 9 13.00 14.77 -6.64
CA SER A 9 14.41 14.42 -6.67
C SER A 9 14.73 13.54 -5.50
N PHE A 10 15.76 12.72 -5.67
CA PHE A 10 16.35 12.01 -4.52
C PHE A 10 16.98 13.02 -3.55
N ASP A 11 16.79 12.79 -2.25
CA ASP A 11 17.42 13.64 -1.21
C ASP A 11 16.97 15.09 -1.34
N PHE A 12 15.67 15.28 -1.59
CA PHE A 12 15.07 16.62 -1.78
C PHE A 12 15.32 17.52 -0.57
N TYR A 13 15.38 16.94 0.64
CA TYR A 13 15.54 17.72 1.88
C TYR A 13 17.00 17.82 2.37
N LYS A 14 17.95 17.62 1.46
CA LYS A 14 19.38 17.64 1.83
C LYS A 14 19.81 18.92 2.54
N ARG A 15 19.24 20.04 2.11
CA ARG A 15 19.53 21.32 2.72
C ARG A 15 18.51 21.68 3.82
N SER A 16 17.24 21.42 3.58
CA SER A 16 16.21 21.93 4.48
C SER A 16 15.99 21.04 5.71
N CYS A 17 16.23 19.74 5.59
CA CYS A 17 16.17 18.83 6.75
C CYS A 17 16.88 17.55 6.38
N PRO A 18 18.22 17.57 6.47
CA PRO A 18 18.97 16.41 6.00
C PRO A 18 18.70 15.16 6.80
N LYS A 19 18.27 15.29 8.05
CA LYS A 19 18.00 14.12 8.89
C LYS A 19 16.61 13.49 8.67
N ALA A 20 15.79 14.08 7.80
CA ALA A 20 14.38 13.67 7.70
C ALA A 20 14.22 12.16 7.44
N GLU A 21 14.92 11.62 6.44
CA GLU A 21 14.73 10.20 6.13
C GLU A 21 15.14 9.33 7.31
N SER A 22 16.22 9.71 7.97
CA SER A 22 16.67 8.97 9.13
C SER A 22 15.68 8.99 10.29
N ILE A 23 15.02 10.12 10.50
CA ILE A 23 13.99 10.25 11.53
C ILE A 23 12.81 9.32 11.22
N VAL A 24 12.37 9.28 9.96
CA VAL A 24 11.24 8.41 9.62
C VAL A 24 11.61 6.95 9.89
N ARG A 25 12.80 6.54 9.46
CA ARG A 25 13.21 5.14 9.59
C ARG A 25 13.30 4.72 11.06
N SER A 26 13.88 5.60 11.89
CA SER A 26 14.01 5.30 13.32
CA SER A 26 14.01 5.30 13.30
C SER A 26 12.63 5.13 13.95
N PHE A 27 11.69 6.01 13.61
CA PHE A 27 10.34 5.92 14.15
C PHE A 27 9.69 4.61 13.73
N VAL A 28 9.76 4.28 12.45
CA VAL A 28 9.11 3.07 11.94
C VAL A 28 9.73 1.83 12.58
N GLN A 29 11.05 1.78 12.67
CA GLN A 29 11.69 0.64 13.30
CA GLN A 29 11.71 0.62 13.28
C GLN A 29 11.17 0.41 14.72
N ASP A 30 11.10 1.47 15.51
CA ASP A 30 10.63 1.33 16.89
C ASP A 30 9.14 0.94 16.92
N ALA A 31 8.33 1.61 16.12
CA ALA A 31 6.88 1.43 16.18
C ALA A 31 6.46 0.02 15.73
N VAL A 32 7.09 -0.49 14.69
CA VAL A 32 6.79 -1.83 14.17
C VAL A 32 7.26 -2.92 15.15
N ARG A 33 8.32 -2.65 15.89
CA ARG A 33 8.77 -3.59 16.90
C ARG A 33 7.70 -3.80 17.99
N ARG A 34 6.91 -2.75 18.25
CA ARG A 34 5.81 -2.79 19.22
C ARG A 34 4.49 -3.30 18.63
N ASP A 35 4.34 -3.18 17.32
CA ASP A 35 3.06 -3.46 16.60
C ASP A 35 3.41 -3.95 15.20
N VAL A 36 3.59 -5.25 15.04
CA VAL A 36 4.18 -5.77 13.80
C VAL A 36 3.34 -5.43 12.59
N GLY A 37 2.03 -5.45 12.78
CA GLY A 37 1.10 -5.18 11.65
C GLY A 37 1.10 -3.74 11.13
N LEU A 38 1.74 -2.84 11.87
CA LEU A 38 1.84 -1.46 11.43
C LEU A 38 2.58 -1.36 10.11
N ALA A 39 3.57 -2.22 9.88
CA ALA A 39 4.28 -2.18 8.60
C ALA A 39 3.36 -2.39 7.40
N ALA A 40 2.51 -3.41 7.49
CA ALA A 40 1.52 -3.63 6.44
C ALA A 40 0.58 -2.44 6.32
N GLY A 41 0.16 -1.90 7.45
CA GLY A 41 -0.75 -0.76 7.42
C GLY A 41 -0.13 0.43 6.67
N LEU A 42 1.13 0.71 6.92
CA LEU A 42 1.79 1.85 6.29
C LEU A 42 2.02 1.62 4.80
N LEU A 43 2.41 0.41 4.41
CA LEU A 43 2.59 0.10 2.98
C LEU A 43 1.26 0.27 2.26
N ARG A 44 0.21 -0.32 2.82
CA ARG A 44 -1.11 -0.22 2.20
C ARG A 44 -1.57 1.23 2.08
N LEU A 45 -1.32 2.01 3.12
CA LEU A 45 -1.79 3.38 3.15
C LEU A 45 -1.17 4.20 2.00
N HIS A 46 0.09 3.94 1.69
CA HIS A 46 0.77 4.60 0.54
C HIS A 46 0.18 4.18 -0.80
N PHE A 47 -0.02 2.89 -0.99
CA PHE A 47 -0.71 2.37 -2.20
C PHE A 47 -2.08 2.99 -2.34
N HIS A 48 -2.87 2.94 -1.27
CA HIS A 48 -4.25 3.37 -1.30
C HIS A 48 -4.34 4.84 -1.63
N ASP A 49 -3.51 5.64 -0.97
CA ASP A 49 -3.47 7.07 -1.28
C ASP A 49 -3.12 7.32 -2.76
N CYS A 50 -2.11 6.63 -3.25
CA CYS A 50 -1.68 6.83 -4.63
C CYS A 50 -2.78 6.52 -5.64
N PHE A 51 -3.57 5.49 -5.38
CA PHE A 51 -4.66 5.08 -6.26
C PHE A 51 -5.93 5.94 -6.11
N VAL A 52 -5.99 6.74 -5.05
CA VAL A 52 -7.11 7.64 -4.83
C VAL A 52 -6.66 9.10 -5.09
N GLN A 53 -6.89 9.52 -6.34
CA GLN A 53 -6.49 10.80 -6.89
C GLN A 53 -5.01 10.95 -7.26
N GLY A 54 -4.11 10.35 -6.48
CA GLY A 54 -2.68 10.49 -6.74
C GLY A 54 -1.95 10.48 -5.43
N CYS A 55 -0.61 10.42 -5.51
CA CYS A 55 0.21 10.30 -4.30
C CYS A 55 0.37 11.68 -3.68
N ASP A 56 -0.65 12.11 -2.96
CA ASP A 56 -0.82 13.50 -2.55
C ASP A 56 -1.44 13.63 -1.14
N ALA A 57 -1.49 12.50 -0.43
CA ALA A 57 -1.97 12.49 0.95
C ALA A 57 -3.43 12.89 1.12
N SER A 58 -4.20 12.86 0.03
CA SER A 58 -5.62 13.21 0.14
C SER A 58 -6.36 12.33 1.15
N VAL A 59 -6.01 11.04 1.22
CA VAL A 59 -6.76 10.13 2.08
C VAL A 59 -6.43 10.29 3.56
N LEU A 60 -5.44 11.11 3.90
CA LEU A 60 -5.17 11.37 5.31
C LEU A 60 -6.13 12.38 5.90
N LEU A 61 -6.79 13.16 5.05
CA LEU A 61 -7.63 14.25 5.54
C LEU A 61 -8.87 13.72 6.27
N ASP A 62 -9.15 14.30 7.45
CA ASP A 62 -10.41 14.12 8.14
C ASP A 62 -11.51 14.78 7.28
N GLY A 63 -12.37 13.95 6.68
CA GLY A 63 -13.34 14.43 5.70
C GLY A 63 -13.21 13.74 4.35
N SER A 64 -12.06 13.14 4.09
CA SER A 64 -11.89 12.30 2.91
C SER A 64 -12.60 10.95 3.09
N ALA A 65 -13.26 10.48 2.05
CA ALA A 65 -13.75 9.10 2.04
C ALA A 65 -12.57 8.16 2.27
N THR A 66 -12.76 7.20 3.17
CA THR A 66 -11.73 6.25 3.65
C THR A 66 -10.63 6.87 4.50
N GLY A 67 -10.78 8.15 4.84
CA GLY A 67 -9.86 8.83 5.75
C GLY A 67 -10.08 8.50 7.21
N PRO A 68 -9.38 9.22 8.11
CA PRO A 68 -9.38 8.82 9.51
C PRO A 68 -10.69 9.06 10.22
N GLY A 69 -11.54 9.91 9.66
CA GLY A 69 -12.84 10.18 10.23
C GLY A 69 -13.89 9.19 9.77
N GLU A 70 -13.54 8.32 8.82
CA GLU A 70 -14.52 7.55 8.06
C GLU A 70 -15.19 6.51 8.94
N GLN A 71 -16.53 6.57 9.03
CA GLN A 71 -17.27 5.66 9.89
C GLN A 71 -18.27 4.85 9.06
N GLN A 72 -18.44 5.24 7.80
CA GLN A 72 -19.48 4.66 6.95
C GLN A 72 -18.84 3.95 5.76
N ALA A 73 -17.78 3.19 6.00
CA ALA A 73 -17.19 2.34 4.95
C ALA A 73 -17.31 0.84 5.27
N PRO A 74 -17.35 -0.01 4.21
CA PRO A 74 -17.21 -1.46 4.38
C PRO A 74 -15.86 -1.86 4.99
N PRO A 75 -15.77 -3.06 5.54
CA PRO A 75 -14.54 -3.46 6.22
C PRO A 75 -13.29 -3.33 5.37
N ASN A 76 -13.41 -3.63 4.08
CA ASN A 76 -12.23 -3.63 3.21
C ASN A 76 -11.84 -2.25 2.65
N LEU A 77 -12.60 -1.23 3.03
CA LEU A 77 -12.26 0.17 2.77
C LEU A 77 -12.11 0.92 4.09
N THR A 78 -11.93 0.16 5.17
CA THR A 78 -11.67 0.74 6.49
C THR A 78 -10.23 0.41 6.88
N LEU A 79 -9.35 1.41 6.75
CA LEU A 79 -7.93 1.19 6.85
C LEU A 79 -7.51 1.17 8.32
N ARG A 80 -6.35 0.56 8.55
CA ARG A 80 -5.87 0.33 9.90
C ARG A 80 -5.68 1.67 10.64
N PRO A 81 -6.34 1.84 11.80
CA PRO A 81 -6.25 3.18 12.42
C PRO A 81 -4.84 3.57 12.89
N THR A 82 -4.06 2.58 13.30
CA THR A 82 -2.71 2.83 13.78
C THR A 82 -1.82 3.40 12.69
N ALA A 83 -2.13 3.15 11.43
CA ALA A 83 -1.28 3.70 10.36
C ALA A 83 -1.52 5.21 10.14
N PHE A 84 -2.78 5.66 10.26
CA PHE A 84 -3.03 7.09 10.24
C PHE A 84 -2.28 7.77 11.40
N LYS A 85 -2.37 7.17 12.59
CA LYS A 85 -1.74 7.74 13.78
C LYS A 85 -0.22 7.80 13.64
N ALA A 86 0.35 6.76 13.06
CA ALA A 86 1.81 6.72 12.89
C ALA A 86 2.32 7.84 11.95
N ILE A 87 1.60 8.08 10.86
CA ILE A 87 1.99 9.14 9.95
C ILE A 87 2.00 10.49 10.71
N ASN A 88 0.96 10.78 11.47
CA ASN A 88 0.90 12.01 12.25
C ASN A 88 2.00 12.09 13.30
N ASP A 89 2.31 10.97 13.95
CA ASP A 89 3.37 10.96 14.99
C ASP A 89 4.75 11.20 14.34
N ILE A 90 4.96 10.60 13.17
CA ILE A 90 6.20 10.83 12.45
C ILE A 90 6.31 12.29 12.04
N HIS A 91 5.22 12.84 11.52
CA HIS A 91 5.22 14.21 11.05
C HIS A 91 5.42 15.21 12.22
N ASP A 92 4.87 14.88 13.40
CA ASP A 92 5.13 15.67 14.62
C ASP A 92 6.61 15.65 14.99
N ARG A 93 7.22 14.47 14.93
CA ARG A 93 8.63 14.33 15.22
C ARG A 93 9.48 15.14 14.25
N LEU A 94 9.10 15.13 12.97
CA LEU A 94 9.81 15.93 11.97
C LEU A 94 9.67 17.44 12.25
N HIS A 95 8.51 17.88 12.73
CA HIS A 95 8.35 19.31 13.04
C HIS A 95 9.43 19.73 14.05
N LYS A 96 9.58 18.92 15.09
CA LYS A 96 10.60 19.16 16.13
C LYS A 96 12.02 19.08 15.54
N GLU A 97 12.32 17.99 14.83
CA GLU A 97 13.69 17.71 14.40
C GLU A 97 14.16 18.57 13.23
N CYS A 98 13.22 19.01 12.38
CA CYS A 98 13.55 19.81 11.21
C CYS A 98 13.56 21.30 11.56
N GLY A 99 13.06 21.65 12.74
CA GLY A 99 12.99 23.06 13.13
C GLY A 99 11.81 23.81 12.53
N GLY A 100 10.76 23.06 12.16
CA GLY A 100 9.54 23.67 11.61
C GLY A 100 8.87 22.71 10.65
N THR A 101 7.86 23.20 9.94
CA THR A 101 7.13 22.40 8.98
C THR A 101 7.83 22.44 7.62
N VAL A 102 8.50 21.35 7.31
CA VAL A 102 9.36 21.25 6.14
C VAL A 102 8.91 20.09 5.22
N VAL A 103 8.69 18.92 5.81
CA VAL A 103 8.47 17.70 5.05
C VAL A 103 6.97 17.52 4.83
N SER A 104 6.59 17.23 3.59
CA SER A 104 5.19 16.96 3.28
C SER A 104 4.72 15.64 3.87
N CYS A 105 3.42 15.55 4.10
CA CYS A 105 2.80 14.31 4.51
C CYS A 105 2.91 13.24 3.40
N SER A 106 2.80 13.68 2.15
CA SER A 106 2.92 12.78 1.00
C SER A 106 4.31 12.11 0.98
N ASP A 107 5.34 12.90 1.26
CA ASP A 107 6.67 12.33 1.31
C ASP A 107 6.83 11.38 2.49
N VAL A 108 6.22 11.72 3.63
CA VAL A 108 6.25 10.78 4.78
C VAL A 108 5.61 9.45 4.40
N LEU A 109 4.49 9.48 3.70
CA LEU A 109 3.86 8.24 3.27
C LEU A 109 4.81 7.36 2.45
N ALA A 110 5.49 7.95 1.47
CA ALA A 110 6.37 7.20 0.60
C ALA A 110 7.55 6.63 1.41
N LEU A 111 8.12 7.45 2.30
CA LEU A 111 9.26 7.02 3.11
C LEU A 111 8.86 5.91 4.08
N ALA A 112 7.75 6.12 4.77
CA ALA A 112 7.31 5.15 5.77
C ALA A 112 6.96 3.80 5.13
N ALA A 113 6.46 3.81 3.89
CA ALA A 113 6.19 2.58 3.18
C ALA A 113 7.51 1.84 2.88
N ARG A 114 8.52 2.57 2.43
CA ARG A 114 9.82 1.95 2.17
C ARG A 114 10.41 1.38 3.45
N ASP A 115 10.33 2.15 4.55
CA ASP A 115 10.89 1.67 5.83
C ASP A 115 10.14 0.46 6.36
N SER A 116 8.83 0.41 6.09
CA SER A 116 8.03 -0.74 6.44
C SER A 116 8.46 -2.01 5.67
N VAL A 117 8.69 -1.86 4.37
CA VAL A 117 9.20 -2.95 3.55
C VAL A 117 10.54 -3.45 4.09
N VAL A 118 11.43 -2.51 4.36
CA VAL A 118 12.77 -2.87 4.82
C VAL A 118 12.76 -3.55 6.19
N VAL A 119 12.01 -3.02 7.14
CA VAL A 119 12.02 -3.60 8.48
CA VAL A 119 12.02 -3.59 8.48
C VAL A 119 11.38 -4.99 8.48
N SER A 120 10.57 -5.26 7.45
CA SER A 120 9.91 -6.54 7.33
C SER A 120 10.75 -7.58 6.58
N GLY A 121 11.95 -7.19 6.14
CA GLY A 121 12.86 -8.11 5.45
C GLY A 121 12.94 -7.91 3.96
N GLY A 122 12.29 -6.84 3.47
CA GLY A 122 12.23 -6.57 2.04
C GLY A 122 13.39 -5.72 1.52
N PRO A 123 13.34 -5.37 0.22
CA PRO A 123 14.42 -4.63 -0.39
C PRO A 123 14.48 -3.17 0.03
N SER A 124 15.71 -2.66 0.17
CA SER A 124 15.95 -1.24 0.26
CA SER A 124 15.98 -1.23 0.25
C SER A 124 15.94 -0.62 -1.15
N TYR A 125 15.51 0.63 -1.22
CA TYR A 125 15.47 1.36 -2.49
C TYR A 125 15.43 2.85 -2.16
N ARG A 126 15.95 3.65 -3.11
CA ARG A 126 15.88 5.10 -2.98
C ARG A 126 14.47 5.63 -3.28
N VAL A 127 14.03 6.58 -2.47
CA VAL A 127 12.69 7.15 -2.61
C VAL A 127 12.82 8.59 -3.14
N PRO A 128 12.25 8.89 -4.31
CA PRO A 128 12.22 10.29 -4.74
C PRO A 128 11.32 11.11 -3.82
N LEU A 129 11.67 12.38 -3.62
CA LEU A 129 10.99 13.25 -2.69
C LEU A 129 10.68 14.61 -3.35
N GLY A 130 9.90 15.43 -2.63
CA GLY A 130 9.43 16.70 -3.19
C GLY A 130 7.93 16.75 -3.44
N ARG A 131 7.20 15.68 -3.09
CA ARG A 131 5.75 15.70 -3.23
C ARG A 131 5.17 16.77 -2.31
N ARG A 132 4.01 17.28 -2.72
CA ARG A 132 3.25 18.20 -1.90
C ARG A 132 1.81 17.68 -1.68
N ASP A 133 1.15 18.23 -0.65
CA ASP A 133 -0.09 17.65 -0.13
C ASP A 133 -1.30 18.31 -0.79
N SER A 134 -2.22 17.47 -1.24
CA SER A 134 -3.45 17.96 -1.87
C SER A 134 -4.32 18.70 -0.86
N ALA A 135 -5.04 19.72 -1.34
CA ALA A 135 -6.07 20.35 -0.52
C ALA A 135 -7.49 19.95 -0.89
N SER A 136 -7.60 18.89 -1.70
CA SER A 136 -8.88 18.32 -2.09
CA SER A 136 -8.89 18.31 -2.09
C SER A 136 -9.18 17.06 -1.26
N PHE A 137 -10.39 16.99 -0.72
CA PHE A 137 -10.87 15.76 -0.11
C PHE A 137 -11.13 14.69 -1.18
N ALA A 138 -10.84 13.45 -0.86
CA ALA A 138 -11.29 12.33 -1.67
C ALA A 138 -12.78 12.09 -1.43
N THR A 139 -13.51 11.83 -2.52
CA THR A 139 -14.92 11.48 -2.44
C THR A 139 -15.07 9.96 -2.56
N GLN A 140 -16.29 9.48 -2.31
CA GLN A 140 -16.58 8.06 -2.53
C GLN A 140 -16.36 7.68 -3.98
N GLN A 141 -16.73 8.56 -4.91
CA GLN A 141 -16.52 8.26 -6.32
C GLN A 141 -15.04 8.18 -6.67
N ASP A 142 -14.21 9.03 -6.06
CA ASP A 142 -12.77 8.96 -6.31
C ASP A 142 -12.24 7.60 -5.87
N VAL A 143 -12.72 7.12 -4.72
CA VAL A 143 -12.25 5.85 -4.16
C VAL A 143 -12.70 4.69 -5.05
N LEU A 144 -13.98 4.71 -5.41
CA LEU A 144 -14.56 3.60 -6.18
C LEU A 144 -14.02 3.55 -7.60
N SER A 145 -13.73 4.71 -8.20
CA SER A 145 -13.14 4.72 -9.54
CA SER A 145 -13.13 4.76 -9.53
C SER A 145 -11.67 4.36 -9.53
N GLY A 146 -10.96 4.69 -8.45
CA GLY A 146 -9.50 4.52 -8.39
C GLY A 146 -9.01 3.14 -7.96
N LEU A 147 -9.79 2.49 -7.12
CA LEU A 147 -9.38 1.23 -6.46
C LEU A 147 -10.19 0.07 -7.03
N PRO A 148 -9.50 -0.94 -7.57
CA PRO A 148 -10.21 -2.16 -7.94
C PRO A 148 -10.58 -2.96 -6.72
N PRO A 149 -11.69 -3.70 -6.79
CA PRO A 149 -12.04 -4.60 -5.70
C PRO A 149 -11.30 -5.93 -5.79
N PRO A 150 -11.28 -6.70 -4.69
CA PRO A 150 -10.56 -7.96 -4.69
C PRO A 150 -11.29 -9.05 -5.50
N THR A 151 -12.50 -8.73 -5.95
CA THR A 151 -13.27 -9.62 -6.83
C THR A 151 -12.86 -9.47 -8.31
N ALA A 152 -11.99 -8.52 -8.59
CA ALA A 152 -11.63 -8.21 -9.98
C ALA A 152 -10.66 -9.24 -10.55
N ALA A 153 -10.86 -9.55 -11.83
CA ALA A 153 -9.94 -10.37 -12.60
C ALA A 153 -8.89 -9.49 -13.30
N VAL A 154 -7.84 -10.14 -13.82
CA VAL A 154 -6.72 -9.43 -14.42
C VAL A 154 -7.09 -8.37 -15.48
N PRO A 155 -8.04 -8.66 -16.40
CA PRO A 155 -8.33 -7.61 -17.39
C PRO A 155 -8.84 -6.33 -16.73
N ALA A 156 -9.69 -6.45 -15.73
CA ALA A 156 -10.18 -5.30 -15.01
C ALA A 156 -9.06 -4.58 -14.25
N LEU A 157 -8.19 -5.35 -13.59
CA LEU A 157 -7.04 -4.77 -12.91
C LEU A 157 -6.14 -4.02 -13.87
N LEU A 158 -5.86 -4.63 -15.03
CA LEU A 158 -4.99 -3.97 -16.00
C LEU A 158 -5.62 -2.69 -16.57
N ALA A 159 -6.94 -2.68 -16.74
CA ALA A 159 -7.63 -1.48 -17.22
C ALA A 159 -7.46 -0.32 -16.21
N VAL A 160 -7.65 -0.61 -14.93
CA VAL A 160 -7.48 0.44 -13.91
C VAL A 160 -6.03 0.95 -13.91
N LEU A 161 -5.09 0.02 -13.91
CA LEU A 161 -3.69 0.38 -13.89
C LEU A 161 -3.22 1.16 -15.11
N SER A 162 -3.78 0.84 -16.27
CA SER A 162 -3.35 1.53 -17.49
C SER A 162 -3.64 3.05 -17.43
N LYS A 163 -4.69 3.43 -16.71
CA LYS A 163 -5.06 4.86 -16.64
C LYS A 163 -4.01 5.65 -15.84
N ILE A 164 -3.29 4.96 -14.95
CA ILE A 164 -2.24 5.56 -14.12
C ILE A 164 -0.84 5.10 -14.57
N ASN A 165 -0.80 4.55 -15.79
N ASN A 165 -0.74 4.66 -15.83
CA ASN A 165 0.45 4.24 -16.48
CA ASN A 165 0.53 4.25 -16.46
C ASN A 165 1.29 3.17 -15.76
C ASN A 165 1.31 3.13 -15.76
N LEU A 166 0.59 2.15 -15.24
CA LEU A 166 1.21 0.93 -14.70
C LEU A 166 0.78 -0.23 -15.61
N ASP A 167 1.70 -1.17 -15.83
CA ASP A 167 1.49 -2.30 -16.74
C ASP A 167 1.44 -3.65 -15.98
N ALA A 168 1.41 -4.75 -16.72
CA ALA A 168 1.18 -6.03 -16.12
C ALA A 168 2.35 -6.47 -15.26
N THR A 169 3.56 -6.04 -15.61
CA THR A 169 4.73 -6.28 -14.76
C THR A 169 4.57 -5.60 -13.41
N ASP A 170 4.14 -4.35 -13.45
CA ASP A 170 3.87 -3.61 -12.22
C ASP A 170 2.74 -4.28 -11.41
N LEU A 171 1.70 -4.75 -12.08
CA LEU A 171 0.61 -5.41 -11.39
C LEU A 171 1.13 -6.60 -10.60
N VAL A 172 1.89 -7.46 -11.27
CA VAL A 172 2.29 -8.71 -10.62
C VAL A 172 3.25 -8.41 -9.45
N ALA A 173 4.21 -7.52 -9.67
CA ALA A 173 5.17 -7.15 -8.63
C ALA A 173 4.53 -6.42 -7.46
N LEU A 174 3.67 -5.46 -7.75
CA LEU A 174 3.07 -4.68 -6.69
C LEU A 174 2.08 -5.49 -5.86
N SER A 175 1.41 -6.45 -6.50
CA SER A 175 0.49 -7.33 -5.79
C SER A 175 1.24 -8.14 -4.71
N GLY A 176 2.54 -8.29 -4.89
CA GLY A 176 3.39 -8.89 -3.86
C GLY A 176 3.44 -8.12 -2.55
N GLY A 177 2.90 -6.89 -2.49
CA GLY A 177 2.64 -6.23 -1.21
C GLY A 177 1.82 -7.08 -0.26
N HIS A 178 1.03 -8.00 -0.83
CA HIS A 178 0.20 -8.92 -0.05
C HIS A 178 1.02 -10.06 0.58
N THR A 179 2.35 -9.97 0.48
CA THR A 179 3.23 -10.82 1.27
C THR A 179 3.20 -10.49 2.78
N ILE A 180 2.63 -9.35 3.16
CA ILE A 180 2.39 -9.00 4.55
C ILE A 180 0.96 -8.51 4.73
N GLY A 181 0.49 -8.47 5.97
CA GLY A 181 -0.76 -7.85 6.24
C GLY A 181 -1.98 -8.77 6.32
N LEU A 182 -3.14 -8.15 6.49
CA LEU A 182 -4.40 -8.83 6.79
C LEU A 182 -5.50 -8.53 5.78
N GLY A 183 -6.38 -9.52 5.63
CA GLY A 183 -7.59 -9.34 4.88
C GLY A 183 -8.81 -9.80 5.67
N HIS A 184 -9.90 -9.07 5.52
CA HIS A 184 -11.18 -9.36 6.16
C HIS A 184 -11.92 -10.47 5.41
N CYS A 185 -12.62 -11.30 6.17
CA CYS A 185 -13.43 -12.38 5.58
C CYS A 185 -14.29 -11.89 4.41
N THR A 186 -14.84 -10.68 4.55
CA THR A 186 -15.76 -10.18 3.54
C THR A 186 -15.10 -9.87 2.20
N SER A 187 -13.77 -9.81 2.15
CA SER A 187 -13.05 -9.58 0.91
C SER A 187 -12.89 -10.86 0.09
N PHE A 188 -13.15 -12.01 0.71
CA PHE A 188 -12.97 -13.28 0.00
C PHE A 188 -14.08 -14.32 0.26
N GLU A 189 -15.10 -13.93 1.03
CA GLU A 189 -16.15 -14.86 1.38
C GLU A 189 -16.93 -15.39 0.17
N ASP A 190 -17.01 -14.61 -0.91
CA ASP A 190 -17.73 -15.09 -2.10
C ASP A 190 -17.04 -16.28 -2.76
N ARG A 191 -15.77 -16.50 -2.41
CA ARG A 191 -15.02 -17.65 -2.91
C ARG A 191 -15.32 -18.92 -2.11
N LEU A 192 -15.97 -18.76 -0.97
CA LEU A 192 -16.30 -19.89 -0.10
C LEU A 192 -17.78 -20.26 -0.16
N PHE A 193 -18.66 -19.28 -0.29
CA PHE A 193 -20.11 -19.50 -0.16
C PHE A 193 -20.84 -18.93 -1.37
N PRO A 194 -21.78 -19.69 -1.94
CA PRO A 194 -22.33 -20.91 -1.34
C PRO A 194 -21.44 -22.14 -1.52
N ARG A 195 -20.82 -22.25 -2.70
CA ARG A 195 -19.87 -23.32 -2.98
C ARG A 195 -18.46 -22.76 -3.11
N PRO A 196 -17.44 -23.61 -2.89
CA PRO A 196 -16.07 -23.17 -3.07
C PRO A 196 -15.73 -22.87 -4.54
N ASP A 197 -15.12 -21.71 -4.75
CA ASP A 197 -14.51 -21.35 -6.02
C ASP A 197 -13.53 -22.43 -6.50
N PRO A 198 -13.74 -22.95 -7.73
CA PRO A 198 -12.85 -24.03 -8.20
C PRO A 198 -11.38 -23.65 -8.31
N THR A 199 -11.04 -22.36 -8.31
CA THR A 199 -9.64 -21.95 -8.43
C THR A 199 -8.89 -21.93 -7.10
N LEU A 200 -9.62 -22.14 -6.01
CA LEU A 200 -9.07 -22.15 -4.66
C LEU A 200 -8.62 -23.59 -4.30
N ASN A 201 -7.31 -23.78 -4.01
CA ASN A 201 -6.83 -25.07 -3.44
C ASN A 201 -7.80 -25.63 -2.35
N ALA A 202 -8.33 -26.82 -2.62
CA ALA A 202 -9.41 -27.38 -1.79
C ALA A 202 -9.01 -27.53 -0.32
N THR A 203 -7.74 -27.86 -0.10
CA THR A 203 -7.19 -28.00 1.27
C THR A 203 -7.23 -26.63 1.97
N PHE A 204 -6.80 -25.58 1.26
CA PHE A 204 -6.85 -24.22 1.78
C PHE A 204 -8.30 -23.77 2.00
N ALA A 205 -9.20 -24.09 1.05
CA ALA A 205 -10.60 -23.70 1.21
C ALA A 205 -11.17 -24.24 2.55
N GLY A 206 -10.84 -25.50 2.85
CA GLY A 206 -11.28 -26.13 4.09
C GLY A 206 -10.77 -25.41 5.33
N GLN A 207 -9.51 -24.97 5.27
CA GLN A 207 -8.92 -24.18 6.36
C GLN A 207 -9.54 -22.80 6.49
N LEU A 208 -9.80 -22.14 5.36
CA LEU A 208 -10.45 -20.82 5.41
C LEU A 208 -11.90 -20.84 5.96
N ARG A 209 -12.62 -21.93 5.73
CA ARG A 209 -13.98 -22.05 6.27
C ARG A 209 -14.02 -22.15 7.81
N ARG A 210 -12.90 -22.48 8.45
CA ARG A 210 -12.83 -22.44 9.93
C ARG A 210 -12.57 -21.01 10.29
N THR A 211 -11.74 -20.38 9.47
CA THR A 211 -11.43 -19.00 9.66
C THR A 211 -12.70 -18.14 9.45
N CYS A 212 -13.46 -18.41 8.39
CA CYS A 212 -14.68 -17.65 8.08
C CYS A 212 -15.86 -18.62 7.84
N PRO A 213 -16.53 -19.09 8.91
CA PRO A 213 -17.49 -20.20 8.76
C PRO A 213 -18.80 -19.84 8.04
N ALA A 214 -19.10 -18.56 7.94
CA ALA A 214 -20.23 -18.10 7.13
C ALA A 214 -19.92 -16.73 6.54
N LYS A 215 -20.77 -16.28 5.60
CA LYS A 215 -20.71 -14.91 5.10
C LYS A 215 -20.97 -13.92 6.22
N GLY A 216 -20.29 -12.78 6.15
CA GLY A 216 -20.41 -11.74 7.17
C GLY A 216 -19.69 -12.02 8.48
N THR A 217 -18.66 -12.86 8.45
CA THR A 217 -17.81 -13.09 9.63
C THR A 217 -16.87 -11.88 9.81
N ASP A 218 -16.96 -11.23 10.97
CA ASP A 218 -16.14 -10.06 11.27
C ASP A 218 -14.77 -10.48 11.84
N ARG A 219 -13.90 -10.93 10.95
N ARG A 219 -13.93 -11.07 10.98
CA ARG A 219 -12.59 -11.44 11.32
CA ARG A 219 -12.59 -11.54 11.36
C ARG A 219 -11.63 -11.16 10.18
C ARG A 219 -11.62 -11.27 10.20
N ARG A 220 -10.35 -11.07 10.51
CA ARG A 220 -9.29 -10.92 9.52
C ARG A 220 -8.28 -12.06 9.66
N THR A 221 -7.68 -12.42 8.52
CA THR A 221 -6.66 -13.48 8.44
C THR A 221 -5.48 -12.93 7.60
N PRO A 222 -4.28 -13.50 7.77
CA PRO A 222 -3.18 -13.07 6.90
C PRO A 222 -3.45 -13.22 5.42
N LEU A 223 -3.04 -12.21 4.65
CA LEU A 223 -3.01 -12.30 3.20
C LEU A 223 -2.08 -13.41 2.71
N ASP A 224 -0.98 -13.65 3.44
CA ASP A 224 0.04 -14.63 3.03
C ASP A 224 0.05 -15.77 4.04
N VAL A 225 -0.52 -16.90 3.65
CA VAL A 225 -0.70 -18.04 4.55
C VAL A 225 0.62 -18.68 4.96
N ARG A 226 1.68 -18.47 4.17
CA ARG A 226 2.99 -19.04 4.43
C ARG A 226 3.82 -18.17 5.38
N THR A 227 4.02 -16.89 5.06
CA THR A 227 4.74 -15.97 5.97
C THR A 227 4.00 -14.66 6.17
N PRO A 228 3.06 -14.65 7.12
CA PRO A 228 2.18 -13.50 7.33
C PRO A 228 2.89 -12.16 7.48
N ASN A 229 4.03 -12.13 8.20
CA ASN A 229 4.65 -10.85 8.55
C ASN A 229 5.99 -10.59 7.88
N ALA A 230 6.53 -11.58 7.18
CA ALA A 230 7.82 -11.41 6.53
C ALA A 230 7.60 -10.94 5.09
N PHE A 231 8.33 -9.90 4.69
CA PHE A 231 8.30 -9.43 3.31
C PHE A 231 9.23 -10.29 2.48
N ASP A 232 8.63 -11.14 1.65
CA ASP A 232 9.34 -12.18 0.95
C ASP A 232 8.52 -12.60 -0.26
N ASN A 233 9.01 -13.57 -1.01
CA ASN A 233 8.26 -14.03 -2.18
C ASN A 233 7.27 -15.14 -1.90
N LYS A 234 6.94 -15.38 -0.63
CA LYS A 234 6.01 -16.46 -0.35
C LYS A 234 4.61 -16.19 -0.87
N TYR A 235 4.26 -14.91 -1.08
CA TYR A 235 3.02 -14.58 -1.75
C TYR A 235 2.85 -15.37 -3.06
N TYR A 236 3.93 -15.44 -3.84
CA TYR A 236 3.90 -16.08 -5.16
C TYR A 236 3.94 -17.59 -5.04
N VAL A 237 4.67 -18.10 -4.03
CA VAL A 237 4.59 -19.54 -3.73
C VAL A 237 3.15 -19.94 -3.39
N ASN A 238 2.42 -19.08 -2.67
CA ASN A 238 1.00 -19.33 -2.43
C ASN A 238 0.25 -19.46 -3.77
N LEU A 239 0.45 -18.49 -4.66
CA LEU A 239 -0.29 -18.48 -5.92
C LEU A 239 -0.09 -19.80 -6.68
N VAL A 240 1.17 -20.25 -6.79
CA VAL A 240 1.42 -21.47 -7.53
CA VAL A 240 1.50 -21.50 -7.49
C VAL A 240 0.82 -22.72 -6.85
N ASN A 241 0.50 -22.62 -5.57
CA ASN A 241 -0.22 -23.66 -4.84
C ASN A 241 -1.74 -23.40 -4.83
N ARG A 242 -2.20 -22.43 -5.64
CA ARG A 242 -3.62 -22.05 -5.65
CA ARG A 242 -3.62 -22.03 -5.66
C ARG A 242 -4.13 -21.62 -4.27
N GLU A 243 -3.28 -20.88 -3.56
CA GLU A 243 -3.58 -20.42 -2.19
C GLU A 243 -3.47 -18.89 -2.07
N GLY A 244 -3.61 -18.18 -3.20
CA GLY A 244 -3.87 -16.74 -3.12
C GLY A 244 -5.21 -16.48 -2.44
N LEU A 245 -5.27 -15.46 -1.58
CA LEU A 245 -6.49 -15.21 -0.83
C LEU A 245 -7.65 -14.64 -1.67
N PHE A 246 -7.35 -13.58 -2.42
CA PHE A 246 -8.36 -12.88 -3.18
C PHE A 246 -8.41 -13.44 -4.62
N THR A 247 -9.55 -13.23 -5.28
CA THR A 247 -9.63 -13.45 -6.73
C THR A 247 -8.58 -12.66 -7.49
N SER A 248 -8.36 -11.42 -7.05
CA SER A 248 -7.40 -10.53 -7.70
C SER A 248 -5.94 -11.02 -7.49
N ASP A 249 -5.71 -11.85 -6.47
CA ASP A 249 -4.40 -12.49 -6.30
C ASP A 249 -4.30 -13.71 -7.22
N GLN A 250 -5.21 -14.67 -7.05
CA GLN A 250 -5.07 -15.95 -7.70
C GLN A 250 -5.24 -15.83 -9.23
N ASP A 251 -5.98 -14.81 -9.70
CA ASP A 251 -6.13 -14.64 -11.14
C ASP A 251 -4.82 -14.25 -11.80
N LEU A 252 -3.89 -13.67 -11.04
CA LEU A 252 -2.55 -13.43 -11.59
C LEU A 252 -1.91 -14.71 -12.14
N PHE A 253 -2.11 -15.82 -11.44
CA PHE A 253 -1.56 -17.08 -11.90
C PHE A 253 -2.42 -17.66 -13.05
N SER A 254 -3.74 -17.46 -12.97
CA SER A 254 -4.65 -18.01 -14.00
C SER A 254 -4.48 -17.36 -15.36
N ASN A 255 -4.36 -16.04 -15.38
CA ASN A 255 -4.43 -15.26 -16.61
C ASN A 255 -3.11 -15.38 -17.40
N ALA A 256 -3.26 -15.57 -18.71
CA ALA A 256 -2.10 -15.76 -19.60
C ALA A 256 -1.12 -14.57 -19.62
N ARG A 257 -1.62 -13.37 -19.32
CA ARG A 257 -0.81 -12.15 -19.43
C ARG A 257 0.18 -12.02 -18.26
N THR A 258 -0.11 -12.71 -17.15
CA THR A 258 0.59 -12.49 -15.87
C THR A 258 1.24 -13.76 -15.30
N ARG A 259 0.87 -14.93 -15.84
CA ARG A 259 1.29 -16.20 -15.23
C ARG A 259 2.82 -16.33 -15.19
N ALA A 260 3.49 -16.00 -16.30
CA ALA A 260 4.94 -16.19 -16.38
C ALA A 260 5.67 -15.40 -15.25
N LEU A 261 5.22 -14.20 -14.99
CA LEU A 261 5.84 -13.38 -13.95
C LEU A 261 5.59 -13.97 -12.56
N VAL A 262 4.38 -14.48 -12.32
CA VAL A 262 4.11 -15.18 -11.06
C VAL A 262 5.10 -16.33 -10.86
N ASP A 263 5.32 -17.13 -11.90
CA ASP A 263 6.27 -18.23 -11.81
C ASP A 263 7.70 -17.75 -11.54
N LYS A 264 8.09 -16.70 -12.25
CA LYS A 264 9.42 -16.13 -12.10
C LYS A 264 9.64 -15.73 -10.63
N PHE A 265 8.66 -15.02 -10.06
CA PHE A 265 8.84 -14.49 -8.71
C PHE A 265 8.71 -15.57 -7.63
N ALA A 266 7.97 -16.63 -7.92
CA ALA A 266 7.89 -17.76 -6.99
C ALA A 266 9.23 -18.49 -6.94
N ARG A 267 9.97 -18.45 -8.04
CA ARG A 267 11.25 -19.15 -8.14
C ARG A 267 12.44 -18.31 -7.68
N SER A 268 12.32 -16.98 -7.73
CA SER A 268 13.45 -16.10 -7.40
C SER A 268 13.00 -14.90 -6.58
N GLN A 269 13.28 -14.92 -5.29
CA GLN A 269 12.96 -13.77 -4.46
C GLN A 269 13.76 -12.55 -4.90
N ARG A 270 14.99 -12.74 -5.37
CA ARG A 270 15.78 -11.61 -5.83
C ARG A 270 15.11 -10.92 -7.03
N ASP A 271 14.58 -11.70 -7.96
CA ASP A 271 13.85 -11.14 -9.09
C ASP A 271 12.63 -10.37 -8.62
N PHE A 272 11.88 -10.94 -7.69
CA PHE A 272 10.73 -10.22 -7.14
C PHE A 272 11.18 -8.89 -6.51
N PHE A 273 12.18 -8.95 -5.63
CA PHE A 273 12.60 -7.77 -4.92
C PHE A 273 13.07 -6.66 -5.86
N ASP A 274 13.82 -7.05 -6.89
CA ASP A 274 14.27 -6.07 -7.88
C ASP A 274 13.08 -5.37 -8.56
N GLN A 275 12.12 -6.16 -9.00
CA GLN A 275 10.98 -5.57 -9.69
C GLN A 275 10.09 -4.77 -8.73
N PHE A 276 9.88 -5.29 -7.53
CA PHE A 276 9.07 -4.56 -6.57
C PHE A 276 9.66 -3.17 -6.32
N ALA A 277 10.97 -3.11 -6.12
CA ALA A 277 11.63 -1.83 -5.85
C ALA A 277 11.39 -0.86 -6.99
N PHE A 278 11.51 -1.33 -8.22
CA PHE A 278 11.28 -0.46 -9.40
C PHE A 278 9.82 0.00 -9.41
N SER A 279 8.91 -0.98 -9.35
CA SER A 279 7.49 -0.69 -9.53
C SER A 279 6.87 0.16 -8.40
N VAL A 280 7.30 -0.06 -7.16
CA VAL A 280 6.74 0.69 -6.06
C VAL A 280 7.21 2.15 -6.10
N VAL A 281 8.40 2.40 -6.66
CA VAL A 281 8.85 3.77 -6.86
C VAL A 281 8.08 4.45 -8.00
N LYS A 282 7.77 3.69 -9.05
CA LYS A 282 6.88 4.17 -10.10
C LYS A 282 5.49 4.50 -9.55
N MET A 283 4.93 3.57 -8.75
CA MET A 283 3.62 3.81 -8.15
C MET A 283 3.58 5.09 -7.34
N GLY A 284 4.63 5.34 -6.57
CA GLY A 284 4.61 6.45 -5.66
C GLY A 284 4.88 7.81 -6.32
N GLN A 285 4.90 7.84 -7.64
CA GLN A 285 5.01 9.11 -8.36
C GLN A 285 3.78 9.44 -9.17
N ILE A 286 2.70 8.72 -8.94
CA ILE A 286 1.45 8.93 -9.70
C ILE A 286 0.78 10.25 -9.31
N LYS A 287 0.57 11.11 -10.29
CA LYS A 287 -0.16 12.37 -10.15
C LYS A 287 0.25 13.19 -8.93
N VAL A 288 1.56 13.38 -8.80
CA VAL A 288 2.08 14.13 -7.67
C VAL A 288 1.98 15.63 -7.91
N LEU A 289 1.88 16.35 -6.80
CA LEU A 289 1.94 17.81 -6.77
C LEU A 289 3.35 18.22 -6.39
N THR A 290 3.90 19.17 -7.15
CA THR A 290 5.27 19.59 -6.93
C THR A 290 5.43 21.09 -7.08
N GLY A 291 6.58 21.60 -6.69
CA GLY A 291 6.90 23.01 -6.88
C GLY A 291 6.23 23.85 -5.80
N THR A 292 5.22 24.63 -6.20
CA THR A 292 4.37 25.34 -5.26
C THR A 292 2.96 24.78 -5.20
N GLN A 293 2.65 23.78 -6.03
CA GLN A 293 1.34 23.17 -5.99
C GLN A 293 1.07 22.49 -4.65
N GLY A 294 -0.17 22.52 -4.22
CA GLY A 294 -0.51 21.91 -2.94
C GLY A 294 0.17 22.59 -1.77
N GLN A 295 0.21 21.88 -0.67
CA GLN A 295 0.63 22.43 0.62
C GLN A 295 1.72 21.57 1.23
N ILE A 296 2.42 22.14 2.20
CA ILE A 296 3.11 21.35 3.21
CA ILE A 296 3.08 21.34 3.21
C ILE A 296 2.25 21.42 4.47
N ARG A 297 1.49 20.36 4.75
CA ARG A 297 0.57 20.44 5.86
C ARG A 297 1.31 20.60 7.17
N THR A 298 0.74 21.43 8.03
CA THR A 298 1.19 21.45 9.42
CA THR A 298 1.12 21.52 9.45
C THR A 298 0.58 20.35 10.27
N ASN A 299 -0.57 19.83 9.87
CA ASN A 299 -1.26 18.71 10.50
C ASN A 299 -1.76 17.78 9.37
N CYS A 300 -1.25 16.55 9.27
CA CYS A 300 -1.53 15.72 8.10
C CYS A 300 -3.02 15.42 7.92
N SER A 301 -3.79 15.55 8.99
CA SER A 301 -5.23 15.28 8.97
C SER A 301 -6.10 16.47 8.50
N ALA A 302 -5.49 17.63 8.24
CA ALA A 302 -6.23 18.85 7.89
C ALA A 302 -5.53 19.66 6.80
N ARG A 303 -6.33 20.35 5.99
CA ARG A 303 -5.79 21.36 5.07
C ARG A 303 -5.27 22.54 5.87
N ASN A 304 -4.22 23.21 5.37
CA ASN A 304 -3.73 24.39 6.09
C ASN A 304 -4.76 25.49 5.96
N ALA A 305 -5.04 26.15 7.07
CA ALA A 305 -6.19 27.08 7.18
C ALA A 305 -5.77 28.56 7.19
N ALA A 306 -4.47 28.85 7.18
CA ALA A 306 -3.97 30.23 7.35
C ALA A 306 -2.90 30.58 6.36
N GLY A 307 -2.96 30.02 5.16
CA GLY A 307 -1.97 30.40 4.13
C GLY A 307 -0.66 29.60 4.21
#